data_1VCV
#
_entry.id   1VCV
#
_cell.length_a   84.540
_cell.length_b   84.540
_cell.length_c   112.620
_cell.angle_alpha   90.00
_cell.angle_beta   90.00
_cell.angle_gamma   120.00
#
_symmetry.space_group_name_H-M   'P 63'
#
loop_
_entity.id
_entity.type
_entity.pdbx_description
1 polymer 'Probable deoxyribose-phosphate aldolase'
2 non-polymer 'ZINC ION'
3 water water
#
_entity_poly.entity_id   1
_entity_poly.type   'polypeptide(L)'
_entity_poly.pdbx_seq_one_letter_code
;MIHLVDYALLKPYLTVDEAVAGARKAEELGVAAYCVNPIYAPVVRPLLRKVKLCVVADFPFGALPTASRIALVSRLAEVA
DEIDVVAPIGLVKSRRWAEVRRDLISVVGAAGGRVVKVITEEPYLRDEERYTLYDIIAEAGAHFIKSSTGFAEEAYAARQ
GNPVHSTPERAAAIARYIKEKGYRLGVKMAGGIRTREQAKAIVDAIGWGEDPARVRLGTSTPEALL
;
_entity_poly.pdbx_strand_id   A,B
#
# COMPACT_ATOMS: atom_id res chain seq x y z
N MET A 1 -12.93 -27.93 2.76
CA MET A 1 -11.88 -26.94 3.10
C MET A 1 -12.06 -25.63 2.33
N ILE A 2 -12.83 -25.68 1.25
CA ILE A 2 -13.08 -24.50 0.44
C ILE A 2 -13.85 -23.42 1.22
N HIS A 3 -14.64 -23.85 2.21
CA HIS A 3 -15.42 -22.92 3.00
C HIS A 3 -14.63 -22.13 4.05
N LEU A 4 -13.33 -22.42 4.14
CA LEU A 4 -12.44 -21.73 5.08
C LEU A 4 -11.63 -20.70 4.31
N VAL A 5 -11.85 -20.66 3.00
CA VAL A 5 -11.10 -19.77 2.14
C VAL A 5 -11.58 -18.34 1.97
N ASP A 6 -10.61 -17.43 2.01
CA ASP A 6 -10.84 -16.01 1.77
C ASP A 6 -10.12 -15.85 0.43
N TYR A 7 -10.89 -15.86 -0.66
CA TYR A 7 -10.33 -15.73 -2.00
C TYR A 7 -9.89 -14.29 -2.19
N ALA A 8 -8.57 -14.08 -2.28
CA ALA A 8 -8.00 -12.74 -2.42
C ALA A 8 -7.36 -12.37 -3.76
N LEU A 9 -7.84 -11.27 -4.34
CA LEU A 9 -7.31 -10.71 -5.58
C LEU A 9 -7.01 -9.26 -5.19
N LEU A 10 -5.79 -9.03 -4.72
CA LEU A 10 -5.37 -7.73 -4.22
C LEU A 10 -4.28 -6.97 -4.96
N LYS A 11 -3.82 -7.49 -6.09
CA LYS A 11 -2.80 -6.79 -6.86
C LYS A 11 -3.39 -5.44 -7.29
N PRO A 12 -2.59 -4.37 -7.27
CA PRO A 12 -3.09 -3.05 -7.67
C PRO A 12 -3.49 -2.94 -9.14
N TYR A 13 -2.96 -3.84 -9.98
CA TYR A 13 -3.28 -3.81 -11.41
C TYR A 13 -4.47 -4.70 -11.77
N LEU A 14 -5.20 -5.17 -10.76
CA LEU A 14 -6.37 -6.00 -11.00
C LEU A 14 -7.41 -5.08 -11.67
N THR A 15 -8.07 -5.58 -12.71
CA THR A 15 -9.07 -4.77 -13.41
C THR A 15 -10.49 -5.05 -12.92
N VAL A 16 -11.41 -4.16 -13.29
CA VAL A 16 -12.81 -4.31 -12.91
C VAL A 16 -13.36 -5.66 -13.36
N ASP A 17 -13.12 -6.00 -14.63
CA ASP A 17 -13.59 -7.26 -15.18
C ASP A 17 -13.04 -8.45 -14.40
N GLU A 18 -11.77 -8.35 -14.01
CA GLU A 18 -11.13 -9.41 -13.24
C GLU A 18 -11.72 -9.47 -11.85
N ALA A 19 -11.99 -8.31 -11.26
CA ALA A 19 -12.57 -8.25 -9.92
C ALA A 19 -13.98 -8.84 -9.95
N VAL A 20 -14.73 -8.53 -11.01
CA VAL A 20 -16.09 -9.03 -11.16
C VAL A 20 -16.07 -10.54 -11.35
N ALA A 21 -15.16 -11.01 -12.20
CA ALA A 21 -15.04 -12.44 -12.46
C ALA A 21 -14.68 -13.17 -11.16
N GLY A 22 -13.83 -12.55 -10.36
CA GLY A 22 -13.44 -13.15 -9.10
C GLY A 22 -14.61 -13.38 -8.16
N ALA A 23 -15.47 -12.37 -8.04
CA ALA A 23 -16.64 -12.47 -7.16
C ALA A 23 -17.54 -13.61 -7.61
N ARG A 24 -17.83 -13.64 -8.91
CA ARG A 24 -18.66 -14.67 -9.50
C ARG A 24 -18.09 -16.05 -9.16
N LYS A 25 -16.77 -16.17 -9.30
CA LYS A 25 -16.07 -17.42 -8.99
C LYS A 25 -16.12 -17.72 -7.49
N ALA A 26 -16.12 -16.68 -6.68
CA ALA A 26 -16.16 -16.83 -5.22
C ALA A 26 -17.47 -17.48 -4.81
N GLU A 27 -18.57 -16.98 -5.38
CA GLU A 27 -19.90 -17.50 -5.09
C GLU A 27 -20.06 -18.95 -5.50
N GLU A 28 -19.61 -19.28 -6.72
CA GLU A 28 -19.73 -20.64 -7.21
C GLU A 28 -18.90 -21.63 -6.39
N LEU A 29 -17.75 -21.19 -5.89
CA LEU A 29 -16.89 -22.06 -5.10
C LEU A 29 -17.35 -22.24 -3.67
N GLY A 30 -18.11 -21.29 -3.17
CA GLY A 30 -18.60 -21.36 -1.81
C GLY A 30 -17.53 -21.06 -0.77
N VAL A 31 -16.63 -20.13 -1.09
CA VAL A 31 -15.57 -19.76 -0.17
C VAL A 31 -16.16 -18.95 0.99
N ALA A 32 -15.39 -18.78 2.06
CA ALA A 32 -15.86 -18.02 3.21
C ALA A 32 -16.02 -16.54 2.85
N ALA A 33 -15.08 -16.00 2.09
CA ALA A 33 -15.15 -14.59 1.71
C ALA A 33 -14.29 -14.27 0.51
N TYR A 34 -14.58 -13.12 -0.10
CA TYR A 34 -13.87 -12.63 -1.26
C TYR A 34 -13.22 -11.30 -0.87
N CYS A 35 -11.88 -11.25 -0.85
CA CYS A 35 -11.18 -10.03 -0.47
C CYS A 35 -10.63 -9.25 -1.65
N VAL A 36 -10.95 -7.96 -1.70
CA VAL A 36 -10.49 -7.07 -2.76
C VAL A 36 -10.10 -5.73 -2.15
N ASN A 37 -9.41 -4.90 -2.93
CA ASN A 37 -9.07 -3.57 -2.45
C ASN A 37 -10.41 -2.82 -2.40
N PRO A 38 -10.56 -1.89 -1.46
CA PRO A 38 -11.78 -1.09 -1.27
C PRO A 38 -12.44 -0.52 -2.52
N ILE A 39 -11.62 -0.06 -3.46
CA ILE A 39 -12.12 0.52 -4.71
C ILE A 39 -13.16 -0.35 -5.43
N TYR A 40 -13.01 -1.67 -5.32
CA TYR A 40 -13.92 -2.59 -6.00
C TYR A 40 -15.05 -3.15 -5.16
N ALA A 41 -15.16 -2.67 -3.92
CA ALA A 41 -16.21 -3.15 -3.02
C ALA A 41 -17.62 -2.95 -3.59
N PRO A 42 -17.93 -1.74 -4.09
CA PRO A 42 -19.27 -1.48 -4.64
C PRO A 42 -19.66 -2.32 -5.86
N VAL A 43 -18.72 -2.52 -6.78
CA VAL A 43 -19.03 -3.30 -7.98
C VAL A 43 -19.18 -4.80 -7.68
N VAL A 44 -18.44 -5.28 -6.70
CA VAL A 44 -18.49 -6.69 -6.31
C VAL A 44 -19.67 -7.02 -5.37
N ARG A 45 -20.05 -6.05 -4.54
CA ARG A 45 -21.14 -6.24 -3.57
C ARG A 45 -22.38 -6.95 -4.13
N PRO A 46 -22.89 -6.52 -5.30
CA PRO A 46 -24.06 -7.14 -5.92
C PRO A 46 -23.89 -8.60 -6.33
N LEU A 47 -22.67 -9.00 -6.62
CA LEU A 47 -22.40 -10.38 -7.04
C LEU A 47 -22.29 -11.37 -5.89
N LEU A 48 -22.08 -10.86 -4.67
CA LEU A 48 -21.95 -11.73 -3.52
C LEU A 48 -23.25 -11.84 -2.72
N ARG A 49 -23.62 -13.07 -2.36
CA ARG A 49 -24.82 -13.30 -1.58
C ARG A 49 -24.51 -14.18 -0.37
N LYS A 50 -23.99 -15.37 -0.63
CA LYS A 50 -23.65 -16.28 0.44
C LYS A 50 -22.25 -15.96 0.95
N VAL A 51 -21.33 -15.67 0.03
CA VAL A 51 -19.96 -15.36 0.42
C VAL A 51 -19.85 -13.93 0.95
N LYS A 52 -19.05 -13.77 2.01
CA LYS A 52 -18.83 -12.47 2.64
C LYS A 52 -17.93 -11.54 1.83
N LEU A 53 -18.23 -10.26 1.85
CA LEU A 53 -17.42 -9.27 1.14
C LEU A 53 -16.34 -8.82 2.10
N CYS A 54 -15.09 -9.09 1.74
CA CYS A 54 -13.94 -8.72 2.56
C CYS A 54 -13.08 -7.66 1.88
N VAL A 55 -12.73 -6.60 2.61
CA VAL A 55 -11.89 -5.55 2.04
C VAL A 55 -10.68 -5.29 2.92
N VAL A 56 -9.56 -4.93 2.28
CA VAL A 56 -8.34 -4.62 3.01
C VAL A 56 -8.34 -3.12 3.30
N ALA A 57 -7.64 -2.72 4.36
CA ALA A 57 -7.56 -1.31 4.77
C ALA A 57 -6.13 -0.91 5.09
N ASP A 58 -5.76 0.29 4.66
CA ASP A 58 -4.42 0.84 4.86
C ASP A 58 -3.44 -0.28 4.52
N PHE A 59 -3.71 -0.88 3.36
CA PHE A 59 -3.00 -2.03 2.83
C PHE A 59 -2.09 -1.68 1.65
N PRO A 60 -0.89 -2.27 1.58
CA PRO A 60 -0.35 -3.25 2.52
C PRO A 60 0.64 -2.74 3.57
N PHE A 61 0.88 -1.43 3.61
CA PHE A 61 1.84 -0.85 4.56
C PHE A 61 1.40 -0.59 5.99
N GLY A 62 0.12 -0.24 6.17
CA GLY A 62 -0.37 0.05 7.51
C GLY A 62 0.35 1.28 8.03
N ALA A 63 0.72 2.17 7.11
CA ALA A 63 1.47 3.37 7.48
C ALA A 63 0.70 4.69 7.43
N LEU A 64 -0.62 4.62 7.60
CA LEU A 64 -1.44 5.83 7.62
C LEU A 64 -1.59 6.34 9.05
N PRO A 65 -1.91 7.63 9.21
CA PRO A 65 -2.09 8.21 10.54
C PRO A 65 -3.30 7.51 11.16
N THR A 66 -3.28 7.29 12.47
CA THR A 66 -4.41 6.63 13.13
C THR A 66 -5.73 7.29 12.77
N ALA A 67 -5.77 8.61 12.75
CA ALA A 67 -6.99 9.34 12.42
C ALA A 67 -7.55 8.94 11.05
N SER A 68 -6.67 8.78 10.07
CA SER A 68 -7.11 8.38 8.74
C SER A 68 -7.55 6.93 8.73
N ARG A 69 -6.89 6.12 9.55
CA ARG A 69 -7.20 4.71 9.65
C ARG A 69 -8.59 4.45 10.25
N ILE A 70 -8.95 5.16 11.31
CA ILE A 70 -10.26 4.95 11.89
C ILE A 70 -11.33 5.45 10.91
N ALA A 71 -11.05 6.56 10.23
CA ALA A 71 -12.00 7.14 9.27
C ALA A 71 -12.24 6.18 8.11
N LEU A 72 -11.15 5.62 7.59
CA LEU A 72 -11.22 4.68 6.48
C LEU A 72 -12.04 3.46 6.85
N VAL A 73 -11.69 2.85 7.99
CA VAL A 73 -12.39 1.66 8.47
C VAL A 73 -13.87 1.96 8.66
N SER A 74 -14.18 3.15 9.17
CA SER A 74 -15.56 3.54 9.38
C SER A 74 -16.34 3.54 8.07
N ARG A 75 -15.78 4.15 7.02
CA ARG A 75 -16.45 4.17 5.73
C ARG A 75 -16.61 2.75 5.23
N LEU A 76 -15.49 2.04 5.16
CA LEU A 76 -15.46 0.67 4.70
C LEU A 76 -16.50 -0.23 5.37
N ALA A 77 -16.71 -0.03 6.66
CA ALA A 77 -17.68 -0.82 7.41
C ALA A 77 -19.10 -0.62 6.91
N GLU A 78 -19.32 0.43 6.12
CA GLU A 78 -20.65 0.68 5.60
C GLU A 78 -21.09 -0.32 4.53
N VAL A 79 -20.12 -0.89 3.81
CA VAL A 79 -20.47 -1.85 2.76
C VAL A 79 -19.83 -3.23 2.87
N ALA A 80 -18.70 -3.33 3.55
CA ALA A 80 -18.01 -4.60 3.66
C ALA A 80 -18.45 -5.43 4.87
N ASP A 81 -18.50 -6.75 4.67
CA ASP A 81 -18.87 -7.68 5.72
C ASP A 81 -17.68 -7.81 6.67
N GLU A 82 -16.49 -7.94 6.10
CA GLU A 82 -15.28 -8.08 6.92
C GLU A 82 -14.19 -7.12 6.43
N ILE A 83 -13.34 -6.72 7.36
CA ILE A 83 -12.24 -5.80 7.07
C ILE A 83 -10.92 -6.33 7.59
N ASP A 84 -9.94 -6.47 6.70
CA ASP A 84 -8.61 -6.95 7.05
C ASP A 84 -7.70 -5.72 7.06
N VAL A 85 -7.38 -5.22 8.24
CA VAL A 85 -6.56 -4.03 8.37
C VAL A 85 -5.13 -4.33 8.84
N VAL A 86 -4.16 -3.71 8.19
CA VAL A 86 -2.76 -3.91 8.53
C VAL A 86 -2.41 -3.24 9.85
N ALA A 87 -1.63 -3.91 10.69
CA ALA A 87 -1.22 -3.33 11.96
C ALA A 87 -0.26 -2.19 11.63
N PRO A 88 -0.04 -1.27 12.60
CA PRO A 88 0.89 -0.16 12.34
C PRO A 88 2.31 -0.73 12.40
N ILE A 89 2.69 -1.46 11.36
CA ILE A 89 4.00 -2.11 11.28
C ILE A 89 5.16 -1.27 11.74
N GLY A 90 5.26 -0.05 11.23
CA GLY A 90 6.35 0.83 11.62
C GLY A 90 6.41 1.07 13.11
N LEU A 91 5.28 1.37 13.73
CA LEU A 91 5.25 1.62 15.16
C LEU A 91 5.57 0.37 15.98
N VAL A 92 5.27 -0.80 15.43
CA VAL A 92 5.55 -2.05 16.14
C VAL A 92 7.05 -2.26 16.19
N LYS A 93 7.70 -2.04 15.05
CA LYS A 93 9.14 -2.18 14.95
C LYS A 93 9.81 -1.13 15.82
N SER A 94 9.14 -0.01 16.03
CA SER A 94 9.67 1.07 16.86
C SER A 94 9.46 0.76 18.34
N ARG A 95 8.70 -0.31 18.61
CA ARG A 95 8.38 -0.72 19.98
C ARG A 95 7.59 0.38 20.70
N ARG A 96 6.80 1.13 19.94
CA ARG A 96 5.98 2.19 20.50
C ARG A 96 4.63 1.57 20.86
N TRP A 97 4.66 0.64 21.81
CA TRP A 97 3.48 -0.08 22.24
C TRP A 97 2.29 0.77 22.64
N ALA A 98 2.55 1.88 23.34
CA ALA A 98 1.46 2.76 23.75
C ALA A 98 0.70 3.24 22.52
N GLU A 99 1.45 3.62 21.49
CA GLU A 99 0.83 4.11 20.26
C GLU A 99 0.21 2.96 19.46
N VAL A 100 0.85 1.80 19.48
CA VAL A 100 0.30 0.66 18.76
C VAL A 100 -1.07 0.27 19.33
N ARG A 101 -1.18 0.21 20.66
CA ARG A 101 -2.44 -0.17 21.24
C ARG A 101 -3.50 0.92 21.07
N ARG A 102 -3.10 2.19 21.11
CA ARG A 102 -4.06 3.26 20.92
C ARG A 102 -4.64 3.15 19.52
N ASP A 103 -3.76 2.93 18.54
CA ASP A 103 -4.19 2.80 17.15
C ASP A 103 -5.13 1.62 16.91
N LEU A 104 -4.72 0.43 17.31
CA LEU A 104 -5.54 -0.76 17.08
C LEU A 104 -6.88 -0.76 17.82
N ILE A 105 -6.92 -0.23 19.03
CA ILE A 105 -8.19 -0.19 19.74
C ILE A 105 -9.15 0.75 19.01
N SER A 106 -8.66 1.91 18.62
CA SER A 106 -9.48 2.90 17.91
C SER A 106 -9.90 2.43 16.51
N VAL A 107 -8.95 1.83 15.79
CA VAL A 107 -9.23 1.33 14.45
C VAL A 107 -10.24 0.19 14.46
N VAL A 108 -10.05 -0.78 15.35
CA VAL A 108 -10.99 -1.90 15.43
C VAL A 108 -12.35 -1.40 15.89
N GLY A 109 -12.34 -0.46 16.83
CA GLY A 109 -13.59 0.08 17.34
C GLY A 109 -14.38 0.82 16.27
N ALA A 110 -13.67 1.30 15.25
CA ALA A 110 -14.30 2.04 14.15
C ALA A 110 -15.07 1.15 13.17
N ALA A 111 -14.78 -0.14 13.18
CA ALA A 111 -15.44 -1.09 12.29
C ALA A 111 -16.86 -1.38 12.74
N GLY A 112 -17.23 -0.80 13.87
CA GLY A 112 -18.56 -0.96 14.42
C GLY A 112 -19.31 -2.26 14.16
N GLY A 113 -18.87 -3.35 14.78
CA GLY A 113 -19.58 -4.61 14.58
C GLY A 113 -19.08 -5.54 13.50
N ARG A 114 -18.48 -5.01 12.45
CA ARG A 114 -17.99 -5.85 11.36
C ARG A 114 -16.86 -6.76 11.84
N VAL A 115 -16.67 -7.88 11.16
CA VAL A 115 -15.61 -8.81 11.50
C VAL A 115 -14.30 -8.13 11.10
N VAL A 116 -13.41 -7.93 12.08
CA VAL A 116 -12.12 -7.29 11.81
C VAL A 116 -10.94 -8.23 11.97
N LYS A 117 -10.09 -8.28 10.96
CA LYS A 117 -8.90 -9.11 11.02
C LYS A 117 -7.71 -8.16 10.96
N VAL A 118 -6.83 -8.25 11.95
CA VAL A 118 -5.65 -7.40 11.97
C VAL A 118 -4.47 -8.16 11.38
N ILE A 119 -3.88 -7.61 10.31
CA ILE A 119 -2.73 -8.24 9.67
C ILE A 119 -1.47 -7.90 10.45
N THR A 120 -0.84 -8.92 11.01
CA THR A 120 0.35 -8.74 11.81
C THR A 120 1.65 -8.69 11.00
N GLU A 121 1.59 -9.19 9.76
CA GLU A 121 2.75 -9.25 8.86
C GLU A 121 3.90 -9.99 9.55
N GLU A 122 3.61 -11.25 9.91
CA GLU A 122 4.56 -12.13 10.59
C GLU A 122 5.97 -12.13 10.01
N PRO A 123 6.10 -12.02 8.67
CA PRO A 123 7.45 -12.01 8.08
C PRO A 123 8.38 -10.93 8.62
N TYR A 124 7.79 -9.83 9.07
CA TYR A 124 8.56 -8.69 9.59
C TYR A 124 8.75 -8.65 11.12
N LEU A 125 8.15 -9.59 11.82
CA LEU A 125 8.22 -9.59 13.28
C LEU A 125 9.21 -10.51 13.97
N ARG A 126 9.54 -10.13 15.20
CA ARG A 126 10.41 -10.91 16.07
C ARG A 126 9.49 -11.37 17.21
N ASP A 127 9.85 -12.44 17.89
CA ASP A 127 9.02 -12.96 18.98
C ASP A 127 8.63 -11.95 20.06
N GLU A 128 9.55 -11.06 20.43
CA GLU A 128 9.27 -10.07 21.46
C GLU A 128 8.21 -9.06 21.02
N GLU A 129 7.94 -9.00 19.72
CA GLU A 129 6.95 -8.08 19.20
C GLU A 129 5.63 -8.78 18.93
N ARG A 130 5.70 -9.99 18.38
CA ARG A 130 4.48 -10.68 18.03
C ARG A 130 3.49 -11.03 19.15
N TYR A 131 3.97 -11.44 20.31
CA TYR A 131 3.03 -11.78 21.40
C TYR A 131 2.42 -10.55 22.05
N THR A 132 3.20 -9.48 22.14
CA THR A 132 2.70 -8.23 22.70
C THR A 132 1.60 -7.75 21.74
N LEU A 133 1.86 -7.86 20.44
CA LEU A 133 0.91 -7.45 19.41
C LEU A 133 -0.37 -8.28 19.46
N TYR A 134 -0.23 -9.60 19.62
CA TYR A 134 -1.41 -10.47 19.68
C TYR A 134 -2.28 -10.04 20.87
N ASP A 135 -1.63 -9.68 21.98
CA ASP A 135 -2.37 -9.25 23.17
C ASP A 135 -3.14 -7.97 22.89
N ILE A 136 -2.54 -7.07 22.12
CA ILE A 136 -3.18 -5.82 21.78
C ILE A 136 -4.38 -6.06 20.88
N ILE A 137 -4.23 -6.98 19.94
CA ILE A 137 -5.29 -7.30 19.01
C ILE A 137 -6.50 -7.88 19.74
N ALA A 138 -6.26 -8.70 20.76
CA ALA A 138 -7.34 -9.27 21.54
C ALA A 138 -7.95 -8.15 22.37
N GLU A 139 -7.09 -7.27 22.87
CA GLU A 139 -7.54 -6.13 23.67
C GLU A 139 -8.47 -5.23 22.85
N ALA A 140 -8.15 -5.07 21.57
CA ALA A 140 -8.94 -4.25 20.67
C ALA A 140 -10.26 -4.91 20.31
N GLY A 141 -10.39 -6.21 20.57
CA GLY A 141 -11.61 -6.90 20.25
C GLY A 141 -11.74 -7.24 18.77
N ALA A 142 -10.62 -7.59 18.15
CA ALA A 142 -10.64 -7.98 16.73
C ALA A 142 -11.15 -9.42 16.66
N HIS A 143 -11.55 -9.85 15.47
CA HIS A 143 -12.06 -11.20 15.28
C HIS A 143 -10.99 -12.19 14.86
N PHE A 144 -10.05 -11.73 14.04
CA PHE A 144 -8.97 -12.58 13.56
C PHE A 144 -7.61 -11.91 13.54
N ILE A 145 -6.58 -12.74 13.50
CA ILE A 145 -5.21 -12.29 13.35
C ILE A 145 -4.88 -12.85 11.99
N LYS A 146 -4.59 -12.00 11.01
CA LYS A 146 -4.22 -12.47 9.68
C LYS A 146 -2.69 -12.41 9.65
N SER A 147 -2.05 -13.53 9.34
CA SER A 147 -0.59 -13.63 9.36
C SER A 147 0.17 -12.64 8.48
N SER A 148 -0.29 -12.40 7.26
CA SER A 148 0.45 -11.47 6.40
C SER A 148 -0.33 -10.85 5.24
N THR A 149 0.27 -9.82 4.64
CA THR A 149 -0.33 -9.10 3.54
C THR A 149 -0.17 -9.80 2.19
N GLY A 150 0.92 -10.56 2.04
CA GLY A 150 1.17 -11.24 0.78
C GLY A 150 2.12 -10.39 -0.05
N PHE A 151 2.57 -9.28 0.54
CA PHE A 151 3.49 -8.37 -0.14
C PHE A 151 4.75 -8.09 0.66
N ALA A 152 5.05 -8.96 1.64
CA ALA A 152 6.23 -8.78 2.46
C ALA A 152 7.50 -8.98 1.62
N GLU A 153 8.55 -8.25 1.96
CA GLU A 153 9.82 -8.35 1.26
C GLU A 153 10.66 -9.48 1.86
N GLU A 154 11.24 -10.33 1.00
CA GLU A 154 12.05 -11.45 1.47
C GLU A 154 13.30 -11.03 2.22
N ALA A 155 13.99 -10.03 1.70
CA ALA A 155 15.23 -9.55 2.30
C ALA A 155 15.05 -9.12 3.77
N TYR A 156 14.24 -8.08 3.99
CA TYR A 156 14.01 -7.61 5.35
C TYR A 156 13.45 -8.73 6.22
N ALA A 157 12.50 -9.50 5.68
CA ALA A 157 11.90 -10.59 6.43
C ALA A 157 13.00 -11.53 6.95
N ALA A 158 13.93 -11.91 6.09
CA ALA A 158 15.01 -12.79 6.49
C ALA A 158 15.81 -12.17 7.63
N ARG A 159 16.12 -10.88 7.51
CA ARG A 159 16.88 -10.20 8.55
C ARG A 159 16.17 -10.30 9.89
N GLN A 160 14.84 -10.35 9.86
CA GLN A 160 14.07 -10.45 11.09
C GLN A 160 13.92 -11.91 11.52
N GLY A 161 14.54 -12.80 10.75
CA GLY A 161 14.53 -14.23 11.03
C GLY A 161 13.31 -15.00 10.55
N ASN A 162 12.63 -14.52 9.53
CA ASN A 162 11.41 -15.19 9.07
C ASN A 162 11.32 -15.48 7.58
N PRO A 163 10.52 -16.49 7.22
CA PRO A 163 10.31 -16.85 5.82
C PRO A 163 9.18 -15.90 5.40
N VAL A 164 8.97 -15.72 4.10
CA VAL A 164 7.92 -14.83 3.64
C VAL A 164 6.58 -15.55 3.55
N HIS A 165 6.62 -16.86 3.32
CA HIS A 165 5.39 -17.65 3.18
C HIS A 165 4.90 -18.29 4.47
N SER A 166 3.60 -18.60 4.49
CA SER A 166 2.97 -19.22 5.63
C SER A 166 3.52 -20.62 5.86
N THR A 167 3.70 -20.98 7.12
CA THR A 167 4.19 -22.30 7.47
C THR A 167 3.30 -22.88 8.56
N PRO A 168 3.20 -24.20 8.62
CA PRO A 168 2.38 -24.83 9.64
C PRO A 168 2.84 -24.47 11.05
N GLU A 169 4.15 -24.36 11.24
CA GLU A 169 4.68 -24.02 12.57
C GLU A 169 4.21 -22.64 13.05
N ARG A 170 4.25 -21.64 12.18
CA ARG A 170 3.82 -20.29 12.57
C ARG A 170 2.33 -20.31 12.92
N ALA A 171 1.54 -21.00 12.09
CA ALA A 171 0.10 -21.10 12.30
C ALA A 171 -0.18 -21.73 13.66
N ALA A 172 0.55 -22.80 13.98
CA ALA A 172 0.38 -23.48 15.25
C ALA A 172 0.78 -22.57 16.40
N ALA A 173 1.88 -21.85 16.23
CA ALA A 173 2.35 -20.94 17.27
C ALA A 173 1.28 -19.91 17.64
N ILE A 174 0.65 -19.30 16.63
CA ILE A 174 -0.40 -18.32 16.88
C ILE A 174 -1.61 -18.97 17.54
N ALA A 175 -2.06 -20.09 16.98
CA ALA A 175 -3.22 -20.81 17.50
C ALA A 175 -2.97 -21.28 18.95
N ARG A 176 -1.78 -21.79 19.22
CA ARG A 176 -1.46 -22.26 20.56
C ARG A 176 -1.60 -21.12 21.58
N TYR A 177 -1.05 -19.95 21.24
CA TYR A 177 -1.11 -18.78 22.12
C TYR A 177 -2.54 -18.32 22.40
N ILE A 178 -3.33 -18.15 21.35
CA ILE A 178 -4.71 -17.72 21.51
C ILE A 178 -5.43 -18.67 22.46
N LYS A 179 -5.34 -19.96 22.16
CA LYS A 179 -5.97 -21.00 22.95
C LYS A 179 -5.53 -20.93 24.41
N GLU A 180 -4.22 -20.79 24.63
CA GLU A 180 -3.67 -20.71 25.97
C GLU A 180 -4.10 -19.45 26.74
N LYS A 181 -4.23 -18.33 26.05
CA LYS A 181 -4.64 -17.08 26.68
C LYS A 181 -6.16 -17.03 26.79
N GLY A 182 -6.84 -17.93 26.06
CA GLY A 182 -8.28 -17.97 26.08
C GLY A 182 -8.92 -16.81 25.31
N TYR A 183 -8.21 -16.24 24.35
CA TYR A 183 -8.74 -15.13 23.56
C TYR A 183 -9.79 -15.59 22.56
N ARG A 184 -10.77 -14.72 22.30
CA ARG A 184 -11.79 -15.04 21.31
C ARG A 184 -11.25 -14.47 20.00
N LEU A 185 -10.30 -15.18 19.41
CA LEU A 185 -9.67 -14.76 18.17
C LEU A 185 -9.45 -15.94 17.24
N GLY A 186 -9.69 -15.72 15.95
CA GLY A 186 -9.48 -16.76 14.97
C GLY A 186 -8.11 -16.55 14.35
N VAL A 187 -7.68 -17.54 13.55
CA VAL A 187 -6.39 -17.46 12.89
C VAL A 187 -6.57 -17.58 11.37
N LYS A 188 -6.08 -16.59 10.65
CA LYS A 188 -6.15 -16.60 9.19
C LYS A 188 -4.73 -16.57 8.66
N MET A 189 -4.33 -17.62 7.95
CA MET A 189 -2.99 -17.68 7.38
C MET A 189 -3.09 -17.28 5.92
N ALA A 190 -2.10 -16.54 5.45
CA ALA A 190 -2.09 -16.10 4.06
C ALA A 190 -0.66 -15.96 3.60
N GLY A 191 -0.42 -16.27 2.32
CA GLY A 191 0.91 -16.18 1.76
C GLY A 191 1.49 -17.55 1.42
N GLY A 192 1.56 -17.85 0.13
CA GLY A 192 2.12 -19.12 -0.31
C GLY A 192 1.20 -20.31 -0.18
N ILE A 193 -0.09 -20.06 0.02
CA ILE A 193 -1.04 -21.17 0.14
C ILE A 193 -1.74 -21.31 -1.21
N ARG A 194 -1.16 -22.12 -2.11
CA ARG A 194 -1.76 -22.30 -3.42
C ARG A 194 -2.06 -23.77 -3.75
N THR A 195 -1.76 -24.67 -2.82
CA THR A 195 -2.03 -26.08 -3.05
C THR A 195 -2.88 -26.66 -1.93
N ARG A 196 -3.73 -27.61 -2.26
CA ARG A 196 -4.60 -28.24 -1.28
C ARG A 196 -3.78 -28.89 -0.17
N GLU A 197 -2.61 -29.40 -0.53
CA GLU A 197 -1.73 -30.05 0.45
C GLU A 197 -1.30 -29.08 1.54
N GLN A 198 -0.66 -27.97 1.15
CA GLN A 198 -0.20 -26.96 2.10
C GLN A 198 -1.36 -26.50 2.98
N ALA A 199 -2.50 -26.21 2.34
CA ALA A 199 -3.68 -25.74 3.06
C ALA A 199 -4.07 -26.73 4.16
N LYS A 200 -4.15 -28.00 3.79
CA LYS A 200 -4.48 -29.08 4.72
C LYS A 200 -3.52 -29.05 5.91
N ALA A 201 -2.22 -28.94 5.61
CA ALA A 201 -1.19 -28.92 6.63
C ALA A 201 -1.41 -27.78 7.62
N ILE A 202 -1.83 -26.61 7.11
CA ILE A 202 -2.07 -25.47 7.97
C ILE A 202 -3.30 -25.71 8.86
N VAL A 203 -4.33 -26.33 8.31
CA VAL A 203 -5.54 -26.61 9.07
C VAL A 203 -5.25 -27.60 10.20
N ASP A 204 -4.49 -28.64 9.90
CA ASP A 204 -4.14 -29.64 10.91
C ASP A 204 -3.24 -28.97 11.95
N ALA A 205 -2.35 -28.09 11.49
CA ALA A 205 -1.42 -27.39 12.37
C ALA A 205 -2.16 -26.53 13.40
N ILE A 206 -3.13 -25.73 12.94
CA ILE A 206 -3.89 -24.87 13.84
C ILE A 206 -4.63 -25.72 14.88
N GLY A 207 -5.12 -26.88 14.45
CA GLY A 207 -5.80 -27.78 15.35
C GLY A 207 -7.23 -27.47 15.78
N TRP A 208 -7.92 -26.60 15.06
CA TRP A 208 -9.30 -26.26 15.42
C TRP A 208 -10.30 -26.85 14.42
N GLY A 209 -9.84 -27.76 13.57
CA GLY A 209 -10.72 -28.35 12.59
C GLY A 209 -11.04 -27.34 11.51
N GLU A 210 -12.17 -27.53 10.84
CA GLU A 210 -12.57 -26.61 9.77
C GLU A 210 -13.66 -25.66 10.21
N ASP A 211 -13.34 -24.80 11.18
CA ASP A 211 -14.31 -23.84 11.68
C ASP A 211 -14.03 -22.45 11.13
N PRO A 212 -14.84 -22.01 10.14
CA PRO A 212 -14.72 -20.70 9.48
C PRO A 212 -14.66 -19.53 10.45
N ALA A 213 -15.35 -19.64 11.58
CA ALA A 213 -15.35 -18.57 12.58
C ALA A 213 -14.01 -18.43 13.30
N ARG A 214 -13.22 -19.50 13.29
CA ARG A 214 -11.91 -19.50 13.96
C ARG A 214 -10.73 -19.70 13.03
N VAL A 215 -10.98 -20.16 11.81
CA VAL A 215 -9.90 -20.40 10.88
C VAL A 215 -10.23 -20.01 9.43
N ARG A 216 -9.30 -19.31 8.79
CA ARG A 216 -9.46 -18.90 7.40
C ARG A 216 -8.16 -19.13 6.65
N LEU A 217 -8.28 -19.38 5.36
CA LEU A 217 -7.13 -19.60 4.50
C LEU A 217 -7.14 -18.56 3.38
N GLY A 218 -6.16 -17.66 3.42
CA GLY A 218 -6.07 -16.63 2.39
C GLY A 218 -5.29 -17.13 1.19
N THR A 219 -5.89 -17.04 0.01
CA THR A 219 -5.22 -17.46 -1.21
C THR A 219 -5.81 -16.80 -2.45
N SER A 220 -5.00 -16.70 -3.50
CA SER A 220 -5.42 -16.11 -4.76
C SER A 220 -5.75 -17.23 -5.73
N THR A 221 -5.50 -18.48 -5.31
CA THR A 221 -5.79 -19.64 -6.15
C THR A 221 -6.66 -20.63 -5.36
N PRO A 222 -7.92 -20.26 -5.11
CA PRO A 222 -8.86 -21.11 -4.35
C PRO A 222 -9.20 -22.44 -4.99
N GLU A 223 -9.40 -22.45 -6.31
CA GLU A 223 -9.74 -23.66 -7.03
C GLU A 223 -8.75 -24.80 -6.74
N ALA A 224 -7.50 -24.42 -6.50
CA ALA A 224 -6.44 -25.40 -6.24
C ALA A 224 -6.63 -26.26 -4.99
N LEU A 225 -7.50 -25.84 -4.07
CA LEU A 225 -7.70 -26.63 -2.85
C LEU A 225 -9.11 -27.17 -2.66
N LEU A 226 -9.76 -27.53 -3.76
CA LEU A 226 -11.10 -28.08 -3.74
C LEU A 226 -11.69 -28.16 -5.16
N MET B 1 23.07 19.02 -7.88
CA MET B 1 21.94 18.16 -8.31
C MET B 1 21.15 17.65 -7.11
N ILE B 2 21.77 17.72 -5.94
CA ILE B 2 21.14 17.26 -4.71
C ILE B 2 19.85 18.06 -4.45
N HIS B 3 19.81 19.29 -4.92
CA HIS B 3 18.64 20.13 -4.71
C HIS B 3 17.41 19.77 -5.56
N LEU B 4 17.55 18.75 -6.40
CA LEU B 4 16.44 18.28 -7.23
C LEU B 4 15.93 16.97 -6.63
N VAL B 5 16.65 16.49 -5.62
CA VAL B 5 16.32 15.25 -4.97
C VAL B 5 15.17 15.23 -3.97
N ASP B 6 14.42 14.14 -4.03
CA ASP B 6 13.30 13.88 -3.13
C ASP B 6 13.77 12.63 -2.39
N TYR B 7 14.36 12.83 -1.20
CA TYR B 7 14.87 11.74 -0.38
C TYR B 7 13.68 10.98 0.21
N ALA B 8 13.48 9.76 -0.26
CA ALA B 8 12.36 8.97 0.21
C ALA B 8 12.71 7.73 1.04
N LEU B 9 12.08 7.64 2.21
CA LEU B 9 12.25 6.49 3.11
C LEU B 9 10.81 6.04 3.31
N LEU B 10 10.36 5.11 2.46
CA LEU B 10 8.98 4.63 2.48
C LEU B 10 8.71 3.18 2.90
N LYS B 11 9.75 2.42 3.24
CA LYS B 11 9.53 1.03 3.66
C LYS B 11 8.57 1.04 4.86
N PRO B 12 7.55 0.16 4.85
CA PRO B 12 6.60 0.12 5.97
C PRO B 12 7.23 -0.22 7.32
N TYR B 13 8.36 -0.92 7.28
CA TYR B 13 9.06 -1.29 8.51
C TYR B 13 10.00 -0.23 9.05
N LEU B 14 10.07 0.93 8.39
CA LEU B 14 10.94 2.02 8.83
C LEU B 14 10.50 2.41 10.24
N THR B 15 11.46 2.67 11.13
CA THR B 15 11.11 3.05 12.50
C THR B 15 11.09 4.57 12.67
N VAL B 16 10.56 5.02 13.81
CA VAL B 16 10.48 6.44 14.13
C VAL B 16 11.89 7.01 14.17
N ASP B 17 12.79 6.31 14.85
CA ASP B 17 14.17 6.75 14.96
C ASP B 17 14.80 6.90 13.58
N GLU B 18 14.48 5.98 12.68
CA GLU B 18 15.02 6.03 11.33
C GLU B 18 14.45 7.21 10.57
N ALA B 19 13.17 7.51 10.75
CA ALA B 19 12.53 8.62 10.06
C ALA B 19 13.09 9.95 10.54
N VAL B 20 13.41 10.02 11.83
CA VAL B 20 13.98 11.24 12.40
C VAL B 20 15.36 11.43 11.82
N ALA B 21 16.15 10.37 11.83
CA ALA B 21 17.50 10.40 11.28
C ALA B 21 17.46 10.88 9.83
N GLY B 22 16.48 10.37 9.09
CA GLY B 22 16.33 10.75 7.69
C GLY B 22 16.05 12.23 7.48
N ALA B 23 15.17 12.79 8.31
CA ALA B 23 14.84 14.21 8.20
C ALA B 23 16.11 15.04 8.43
N ARG B 24 16.84 14.71 9.48
CA ARG B 24 18.07 15.41 9.82
C ARG B 24 19.02 15.32 8.63
N LYS B 25 19.12 14.14 8.04
CA LYS B 25 19.98 13.95 6.88
C LYS B 25 19.47 14.77 5.70
N ALA B 26 18.15 14.81 5.51
CA ALA B 26 17.57 15.58 4.42
C ALA B 26 17.95 17.05 4.56
N GLU B 27 17.82 17.60 5.76
CA GLU B 27 18.16 19.00 5.99
C GLU B 27 19.64 19.27 5.76
N GLU B 28 20.48 18.33 6.18
CA GLU B 28 21.93 18.51 6.01
C GLU B 28 22.31 18.49 4.53
N LEU B 29 21.71 17.58 3.77
CA LEU B 29 22.02 17.47 2.35
C LEU B 29 21.47 18.60 1.50
N GLY B 30 20.36 19.20 1.92
CA GLY B 30 19.77 20.28 1.16
C GLY B 30 18.95 19.77 -0.01
N VAL B 31 18.40 18.57 0.13
CA VAL B 31 17.56 17.98 -0.91
C VAL B 31 16.30 18.81 -1.04
N ALA B 32 15.59 18.66 -2.16
CA ALA B 32 14.36 19.40 -2.39
C ALA B 32 13.28 19.04 -1.39
N ALA B 33 13.14 17.76 -1.09
CA ALA B 33 12.12 17.32 -0.15
C ALA B 33 12.43 15.97 0.48
N TYR B 34 11.74 15.69 1.57
CA TYR B 34 11.89 14.45 2.31
C TYR B 34 10.52 13.79 2.26
N CYS B 35 10.43 12.58 1.70
CA CYS B 35 9.14 11.89 1.60
C CYS B 35 9.04 10.70 2.55
N VAL B 36 7.96 10.66 3.31
CA VAL B 36 7.71 9.57 4.26
C VAL B 36 6.24 9.18 4.19
N ASN B 37 5.89 8.04 4.79
CA ASN B 37 4.49 7.65 4.82
C ASN B 37 3.85 8.61 5.83
N PRO B 38 2.59 9.01 5.61
CA PRO B 38 1.93 9.94 6.52
C PRO B 38 2.03 9.74 8.03
N ILE B 39 2.23 8.51 8.50
CA ILE B 39 2.33 8.28 9.94
C ILE B 39 3.46 9.08 10.59
N TYR B 40 4.54 9.28 9.86
CA TYR B 40 5.69 10.00 10.39
C TYR B 40 5.75 11.49 10.05
N ALA B 41 4.71 12.01 9.40
CA ALA B 41 4.68 13.42 9.03
C ALA B 41 4.84 14.36 10.22
N PRO B 42 4.03 14.17 11.29
CA PRO B 42 4.11 15.03 12.47
C PRO B 42 5.46 15.07 13.15
N VAL B 43 6.10 13.90 13.32
CA VAL B 43 7.39 13.84 14.00
C VAL B 43 8.54 14.40 13.16
N VAL B 44 8.38 14.39 11.85
CA VAL B 44 9.42 14.88 10.94
C VAL B 44 9.24 16.38 10.67
N ARG B 45 8.01 16.86 10.72
CA ARG B 45 7.68 18.26 10.47
C ARG B 45 8.64 19.27 11.13
N PRO B 46 8.99 19.07 12.41
CA PRO B 46 9.90 19.98 13.13
C PRO B 46 11.36 19.97 12.67
N LEU B 47 11.82 18.85 12.13
CA LEU B 47 13.21 18.75 11.68
C LEU B 47 13.42 19.33 10.29
N LEU B 48 12.33 19.66 9.61
CA LEU B 48 12.41 20.20 8.26
C LEU B 48 12.22 21.71 8.21
N ARG B 49 13.25 22.42 7.76
CA ARG B 49 13.20 23.86 7.64
C ARG B 49 13.27 24.26 6.17
N LYS B 50 14.45 24.09 5.58
CA LYS B 50 14.66 24.42 4.18
C LYS B 50 13.97 23.38 3.29
N VAL B 51 14.09 22.11 3.68
CA VAL B 51 13.51 21.01 2.91
C VAL B 51 11.99 20.91 3.10
N LYS B 52 11.30 20.59 2.01
CA LYS B 52 9.85 20.46 2.04
C LYS B 52 9.40 19.11 2.60
N LEU B 53 8.25 19.12 3.30
CA LEU B 53 7.72 17.89 3.86
C LEU B 53 6.88 17.20 2.80
N CYS B 54 7.32 16.03 2.38
CA CYS B 54 6.61 15.28 1.36
C CYS B 54 6.02 13.99 1.93
N VAL B 55 4.78 13.69 1.56
CA VAL B 55 4.14 12.47 2.03
C VAL B 55 3.38 11.79 0.91
N VAL B 56 3.38 10.46 0.92
CA VAL B 56 2.67 9.68 -0.10
C VAL B 56 1.23 9.45 0.36
N ALA B 57 0.32 9.26 -0.59
CA ALA B 57 -1.10 9.06 -0.26
C ALA B 57 -1.69 7.88 -1.01
N ASP B 58 -2.38 7.00 -0.28
CA ASP B 58 -2.99 5.80 -0.83
C ASP B 58 -1.86 5.09 -1.59
N PHE B 59 -0.77 4.91 -0.86
CA PHE B 59 0.47 4.34 -1.35
C PHE B 59 0.74 2.93 -0.80
N PRO B 60 1.25 2.01 -1.64
CA PRO B 60 1.58 2.22 -3.05
C PRO B 60 0.59 1.67 -4.09
N PHE B 61 -0.58 1.22 -3.66
CA PHE B 61 -1.58 0.66 -4.59
C PHE B 61 -2.51 1.64 -5.32
N GLY B 62 -2.89 2.72 -4.64
CA GLY B 62 -3.79 3.69 -5.25
C GLY B 62 -5.16 3.03 -5.46
N ALA B 63 -5.46 2.05 -4.61
CA ALA B 63 -6.71 1.29 -4.72
C ALA B 63 -7.79 1.56 -3.67
N LEU B 64 -7.85 2.78 -3.16
CA LEU B 64 -8.89 3.14 -2.20
C LEU B 64 -10.02 3.78 -3.01
N PRO B 65 -11.25 3.80 -2.48
CA PRO B 65 -12.32 4.42 -3.25
C PRO B 65 -12.02 5.93 -3.31
N THR B 66 -12.55 6.61 -4.32
CA THR B 66 -12.30 8.04 -4.46
C THR B 66 -12.60 8.88 -3.22
N ALA B 67 -13.76 8.66 -2.60
CA ALA B 67 -14.11 9.43 -1.40
C ALA B 67 -13.02 9.37 -0.33
N SER B 68 -12.49 8.17 -0.07
CA SER B 68 -11.44 8.03 0.94
C SER B 68 -10.18 8.74 0.50
N ARG B 69 -9.88 8.67 -0.79
CA ARG B 69 -8.68 9.31 -1.33
C ARG B 69 -8.79 10.82 -1.16
N ILE B 70 -9.97 11.37 -1.42
CA ILE B 70 -10.20 12.80 -1.26
C ILE B 70 -10.00 13.21 0.20
N ALA B 71 -10.64 12.48 1.10
CA ALA B 71 -10.57 12.75 2.53
C ALA B 71 -9.12 12.68 3.01
N LEU B 72 -8.41 11.65 2.55
CA LEU B 72 -7.01 11.46 2.91
C LEU B 72 -6.14 12.61 2.47
N VAL B 73 -6.24 12.99 1.21
CA VAL B 73 -5.43 14.08 0.69
C VAL B 73 -5.77 15.38 1.40
N SER B 74 -7.05 15.57 1.71
CA SER B 74 -7.48 16.78 2.40
C SER B 74 -6.77 16.87 3.76
N ARG B 75 -6.75 15.77 4.51
CA ARG B 75 -6.12 15.74 5.83
C ARG B 75 -4.61 15.92 5.73
N LEU B 76 -4.00 15.24 4.76
CA LEU B 76 -2.55 15.31 4.56
C LEU B 76 -2.05 16.71 4.21
N ALA B 77 -2.86 17.45 3.45
CA ALA B 77 -2.49 18.79 3.02
C ALA B 77 -2.34 19.75 4.21
N GLU B 78 -2.91 19.37 5.35
CA GLU B 78 -2.83 20.22 6.53
C GLU B 78 -1.45 20.22 7.19
N VAL B 79 -0.65 19.21 6.93
CA VAL B 79 0.68 19.14 7.53
C VAL B 79 1.83 18.96 6.55
N ALA B 80 1.52 18.47 5.35
CA ALA B 80 2.55 18.24 4.35
C ALA B 80 2.66 19.37 3.32
N ASP B 81 3.88 19.64 2.88
CA ASP B 81 4.12 20.68 1.88
C ASP B 81 3.81 20.11 0.50
N GLU B 82 4.18 18.84 0.30
CA GLU B 82 3.94 18.17 -0.98
C GLU B 82 3.30 16.80 -0.76
N ILE B 83 2.44 16.41 -1.71
CA ILE B 83 1.75 15.13 -1.65
C ILE B 83 1.86 14.34 -2.94
N ASP B 84 2.46 13.15 -2.83
CA ASP B 84 2.65 12.23 -3.95
C ASP B 84 1.58 11.15 -3.83
N VAL B 85 0.47 11.32 -4.55
CA VAL B 85 -0.63 10.36 -4.50
C VAL B 85 -0.56 9.39 -5.68
N VAL B 86 -0.90 8.13 -5.44
CA VAL B 86 -0.87 7.11 -6.48
C VAL B 86 -2.13 7.18 -7.34
N ALA B 87 -1.94 7.09 -8.65
CA ALA B 87 -3.06 7.11 -9.58
C ALA B 87 -3.89 5.86 -9.35
N PRO B 88 -5.16 5.84 -9.81
CA PRO B 88 -5.96 4.63 -9.59
C PRO B 88 -5.56 3.55 -10.60
N ILE B 89 -4.39 2.95 -10.36
CA ILE B 89 -3.82 1.94 -11.24
C ILE B 89 -4.79 0.91 -11.80
N GLY B 90 -5.60 0.30 -10.96
CA GLY B 90 -6.55 -0.69 -11.42
C GLY B 90 -7.49 -0.15 -12.47
N LEU B 91 -8.01 1.06 -12.23
CA LEU B 91 -8.93 1.70 -13.16
C LEU B 91 -8.24 2.07 -14.47
N VAL B 92 -6.96 2.42 -14.38
CA VAL B 92 -6.21 2.77 -15.59
C VAL B 92 -6.05 1.51 -16.44
N LYS B 93 -5.69 0.40 -15.79
CA LYS B 93 -5.52 -0.85 -16.51
C LYS B 93 -6.85 -1.28 -17.11
N SER B 94 -7.94 -0.87 -16.47
CA SER B 94 -9.28 -1.21 -16.94
C SER B 94 -9.74 -0.23 -18.03
N ARG B 95 -8.93 0.79 -18.29
CA ARG B 95 -9.26 1.79 -19.30
C ARG B 95 -10.59 2.48 -18.97
N ARG B 96 -10.85 2.65 -17.68
CA ARG B 96 -12.06 3.29 -17.20
C ARG B 96 -11.77 4.79 -17.05
N TRP B 97 -11.49 5.43 -18.18
CA TRP B 97 -11.13 6.83 -18.20
C TRP B 97 -12.10 7.80 -17.51
N ALA B 98 -13.41 7.62 -17.71
CA ALA B 98 -14.39 8.51 -17.08
C ALA B 98 -14.20 8.48 -15.56
N GLU B 99 -14.01 7.28 -15.02
CA GLU B 99 -13.81 7.10 -13.59
C GLU B 99 -12.43 7.60 -13.17
N VAL B 100 -11.42 7.35 -13.99
CA VAL B 100 -10.07 7.81 -13.68
C VAL B 100 -10.01 9.33 -13.57
N ARG B 101 -10.65 10.04 -14.49
CA ARG B 101 -10.59 11.49 -14.41
C ARG B 101 -11.44 12.03 -13.28
N ARG B 102 -12.61 11.43 -13.03
CA ARG B 102 -13.44 11.89 -11.92
C ARG B 102 -12.64 11.74 -10.62
N ASP B 103 -11.83 10.68 -10.54
CA ASP B 103 -11.01 10.43 -9.36
C ASP B 103 -9.83 11.39 -9.22
N LEU B 104 -9.00 11.51 -10.25
CA LEU B 104 -7.84 12.39 -10.15
C LEU B 104 -8.20 13.87 -10.02
N ILE B 105 -9.19 14.33 -10.78
CA ILE B 105 -9.57 15.72 -10.67
C ILE B 105 -10.01 16.02 -9.22
N SER B 106 -10.79 15.12 -8.63
CA SER B 106 -11.26 15.28 -7.26
C SER B 106 -10.14 15.19 -6.22
N VAL B 107 -9.29 14.17 -6.35
CA VAL B 107 -8.20 13.96 -5.40
C VAL B 107 -7.19 15.11 -5.37
N VAL B 108 -6.67 15.49 -6.54
CA VAL B 108 -5.71 16.58 -6.62
C VAL B 108 -6.30 17.86 -6.05
N GLY B 109 -7.57 18.12 -6.36
CA GLY B 109 -8.22 19.33 -5.90
C GLY B 109 -8.47 19.34 -4.40
N ALA B 110 -8.33 18.19 -3.75
CA ALA B 110 -8.53 18.08 -2.32
C ALA B 110 -7.28 18.50 -1.57
N ALA B 111 -6.20 18.70 -2.33
CA ALA B 111 -4.91 19.09 -1.76
C ALA B 111 -4.88 20.55 -1.32
N GLY B 112 -5.90 21.31 -1.70
CA GLY B 112 -5.97 22.71 -1.32
C GLY B 112 -4.79 23.58 -1.74
N GLY B 113 -4.25 23.35 -2.92
CA GLY B 113 -3.13 24.17 -3.36
C GLY B 113 -1.75 23.63 -3.07
N ARG B 114 -1.64 22.60 -2.25
CA ARG B 114 -0.34 22.01 -1.95
C ARG B 114 0.23 21.43 -3.24
N VAL B 115 1.54 21.21 -3.27
CA VAL B 115 2.18 20.65 -4.45
C VAL B 115 1.79 19.17 -4.53
N VAL B 116 1.12 18.80 -5.60
CA VAL B 116 0.68 17.42 -5.78
C VAL B 116 1.39 16.71 -6.93
N LYS B 117 1.86 15.51 -6.65
CA LYS B 117 2.53 14.70 -7.65
C LYS B 117 1.68 13.42 -7.80
N VAL B 118 1.28 13.11 -9.01
CA VAL B 118 0.49 11.91 -9.24
C VAL B 118 1.42 10.81 -9.74
N ILE B 119 1.51 9.72 -8.97
CA ILE B 119 2.37 8.60 -9.33
C ILE B 119 1.68 7.75 -10.38
N THR B 120 2.34 7.64 -11.53
CA THR B 120 1.85 6.92 -12.67
C THR B 120 2.15 5.42 -12.66
N GLU B 121 3.24 5.04 -12.01
CA GLU B 121 3.69 3.64 -11.94
C GLU B 121 3.93 3.15 -13.36
N GLU B 122 4.86 3.83 -14.03
CA GLU B 122 5.24 3.52 -15.40
C GLU B 122 5.53 2.03 -15.70
N PRO B 123 6.14 1.31 -14.73
CA PRO B 123 6.41 -0.11 -14.99
C PRO B 123 5.18 -0.95 -15.34
N TYR B 124 4.00 -0.51 -14.91
CA TYR B 124 2.77 -1.25 -15.16
C TYR B 124 1.95 -0.75 -16.34
N LEU B 125 2.40 0.32 -17.00
CA LEU B 125 1.61 0.89 -18.09
C LEU B 125 2.05 0.58 -19.52
N ARG B 126 1.09 0.70 -20.43
CA ARG B 126 1.33 0.50 -21.87
C ARG B 126 1.13 1.87 -22.49
N ASP B 127 1.56 2.06 -23.73
CA ASP B 127 1.37 3.37 -24.35
C ASP B 127 -0.10 3.72 -24.49
N GLU B 128 -0.95 2.71 -24.64
CA GLU B 128 -2.40 2.91 -24.77
C GLU B 128 -3.02 3.42 -23.47
N GLU B 129 -2.22 3.52 -22.42
CA GLU B 129 -2.72 3.99 -21.13
C GLU B 129 -2.02 5.25 -20.59
N ARG B 130 -0.69 5.30 -20.68
CA ARG B 130 0.07 6.41 -20.11
C ARG B 130 -0.23 7.83 -20.63
N TYR B 131 -0.34 7.99 -21.94
CA TYR B 131 -0.61 9.32 -22.49
C TYR B 131 -1.98 9.86 -22.12
N THR B 132 -2.99 9.00 -22.13
CA THR B 132 -4.33 9.44 -21.74
C THR B 132 -4.27 9.76 -20.24
N LEU B 133 -3.49 8.99 -19.49
CA LEU B 133 -3.34 9.24 -18.05
C LEU B 133 -2.67 10.60 -17.84
N TYR B 134 -1.66 10.90 -18.66
CA TYR B 134 -0.97 12.19 -18.54
C TYR B 134 -1.93 13.32 -18.82
N ASP B 135 -2.81 13.13 -19.81
CA ASP B 135 -3.77 14.17 -20.16
C ASP B 135 -4.63 14.45 -18.92
N ILE B 136 -5.07 13.38 -18.27
CA ILE B 136 -5.93 13.48 -17.10
C ILE B 136 -5.19 14.17 -15.95
N ILE B 137 -3.93 13.82 -15.73
CA ILE B 137 -3.14 14.41 -14.66
C ILE B 137 -3.05 15.94 -14.86
N ALA B 138 -2.86 16.36 -16.11
CA ALA B 138 -2.77 17.78 -16.42
C ALA B 138 -4.13 18.44 -16.19
N GLU B 139 -5.18 17.79 -16.69
CA GLU B 139 -6.54 18.29 -16.55
C GLU B 139 -6.87 18.47 -15.07
N ALA B 140 -6.29 17.60 -14.24
CA ALA B 140 -6.53 17.65 -12.80
C ALA B 140 -5.77 18.78 -12.11
N GLY B 141 -4.79 19.36 -12.79
CA GLY B 141 -4.01 20.44 -12.22
C GLY B 141 -2.89 20.02 -11.28
N ALA B 142 -2.31 18.86 -11.50
CA ALA B 142 -1.22 18.39 -10.65
C ALA B 142 0.04 19.19 -10.98
N HIS B 143 1.03 19.17 -10.09
CA HIS B 143 2.28 19.87 -10.34
C HIS B 143 3.32 18.96 -10.96
N PHE B 144 3.27 17.68 -10.59
CA PHE B 144 4.25 16.72 -11.10
C PHE B 144 3.64 15.38 -11.47
N ILE B 145 4.37 14.65 -12.32
CA ILE B 145 4.04 13.30 -12.70
C ILE B 145 5.20 12.54 -12.03
N LYS B 146 4.90 11.60 -11.14
CA LYS B 146 5.95 10.83 -10.50
C LYS B 146 5.93 9.49 -11.24
N SER B 147 7.07 9.11 -11.80
CA SER B 147 7.14 7.88 -12.59
C SER B 147 6.76 6.58 -11.91
N SER B 148 7.19 6.36 -10.67
CA SER B 148 6.86 5.11 -10.01
C SER B 148 6.85 5.19 -8.49
N THR B 149 6.26 4.17 -7.85
CA THR B 149 6.17 4.13 -6.39
C THR B 149 7.47 3.65 -5.76
N GLY B 150 8.20 2.82 -6.49
CA GLY B 150 9.44 2.27 -5.97
C GLY B 150 9.15 0.88 -5.44
N PHE B 151 7.90 0.44 -5.61
CA PHE B 151 7.47 -0.88 -5.14
C PHE B 151 6.80 -1.69 -6.25
N ALA B 152 7.05 -1.31 -7.50
CA ALA B 152 6.47 -2.01 -8.63
C ALA B 152 7.06 -3.43 -8.72
N GLU B 153 6.20 -4.38 -9.07
CA GLU B 153 6.58 -5.77 -9.21
C GLU B 153 7.33 -6.05 -10.50
N GLU B 154 8.49 -6.69 -10.38
CA GLU B 154 9.34 -7.03 -11.53
C GLU B 154 8.59 -7.92 -12.54
N ALA B 155 7.91 -8.95 -12.05
CA ALA B 155 7.18 -9.85 -12.93
C ALA B 155 6.13 -9.13 -13.80
N TYR B 156 5.23 -8.39 -13.16
CA TYR B 156 4.19 -7.70 -13.91
C TYR B 156 4.79 -6.65 -14.84
N ALA B 157 5.84 -5.98 -14.40
CA ALA B 157 6.50 -4.98 -15.21
C ALA B 157 6.99 -5.65 -16.50
N ALA B 158 7.71 -6.75 -16.36
CA ALA B 158 8.21 -7.49 -17.52
C ALA B 158 7.05 -7.90 -18.40
N ARG B 159 5.93 -8.27 -17.78
CA ARG B 159 4.75 -8.68 -18.52
C ARG B 159 4.26 -7.53 -19.39
N GLN B 160 4.36 -6.31 -18.86
CA GLN B 160 3.94 -5.13 -19.59
C GLN B 160 5.04 -4.58 -20.48
N GLY B 161 6.19 -5.25 -20.49
CA GLY B 161 7.30 -4.81 -21.32
C GLY B 161 8.02 -3.56 -20.84
N ASN B 162 8.00 -3.32 -19.54
CA ASN B 162 8.68 -2.15 -18.97
C ASN B 162 9.71 -2.55 -17.94
N PRO B 163 10.75 -1.73 -17.79
CA PRO B 163 11.80 -2.00 -16.80
C PRO B 163 11.22 -1.39 -15.53
N VAL B 164 11.71 -1.80 -14.36
CA VAL B 164 11.20 -1.24 -13.11
C VAL B 164 11.96 0.02 -12.74
N HIS B 165 13.27 0.01 -12.97
CA HIS B 165 14.11 1.15 -12.65
C HIS B 165 13.81 2.31 -13.61
N SER B 166 14.17 3.52 -13.22
CA SER B 166 13.97 4.70 -14.05
C SER B 166 14.99 4.71 -15.18
N THR B 167 14.60 5.25 -16.33
CA THR B 167 15.48 5.33 -17.50
C THR B 167 15.35 6.71 -18.13
N PRO B 168 16.43 7.21 -18.75
CA PRO B 168 16.37 8.52 -19.39
C PRO B 168 15.34 8.52 -20.52
N GLU B 169 15.23 7.38 -21.21
CA GLU B 169 14.29 7.24 -22.33
C GLU B 169 12.86 7.55 -21.88
N ARG B 170 12.47 6.99 -20.75
CA ARG B 170 11.14 7.20 -20.18
C ARG B 170 10.95 8.65 -19.78
N ALA B 171 11.95 9.21 -19.12
CA ALA B 171 11.88 10.58 -18.66
C ALA B 171 11.70 11.52 -19.84
N ALA B 172 12.50 11.31 -20.88
CA ALA B 172 12.44 12.13 -22.08
C ALA B 172 11.06 12.03 -22.74
N ALA B 173 10.50 10.82 -22.76
CA ALA B 173 9.20 10.60 -23.37
C ALA B 173 8.10 11.37 -22.62
N ILE B 174 8.17 11.37 -21.30
CA ILE B 174 7.18 12.09 -20.49
C ILE B 174 7.35 13.59 -20.75
N ALA B 175 8.59 14.05 -20.70
CA ALA B 175 8.89 15.47 -20.94
C ALA B 175 8.41 15.95 -22.32
N ARG B 176 8.74 15.18 -23.35
CA ARG B 176 8.35 15.53 -24.71
C ARG B 176 6.84 15.70 -24.85
N TYR B 177 6.08 14.80 -24.25
CA TYR B 177 4.63 14.86 -24.34
C TYR B 177 4.05 16.08 -23.64
N ILE B 178 4.55 16.39 -22.44
CA ILE B 178 4.04 17.56 -21.73
C ILE B 178 4.42 18.82 -22.50
N LYS B 179 5.61 18.83 -23.09
CA LYS B 179 6.04 19.99 -23.87
C LYS B 179 5.12 20.17 -25.08
N GLU B 180 4.89 19.08 -25.80
CA GLU B 180 4.05 19.13 -26.98
C GLU B 180 2.59 19.51 -26.71
N LYS B 181 2.06 19.06 -25.57
CA LYS B 181 0.68 19.37 -25.23
C LYS B 181 0.58 20.70 -24.46
N GLY B 182 1.73 21.30 -24.17
CA GLY B 182 1.74 22.56 -23.45
C GLY B 182 1.29 22.45 -22.01
N TYR B 183 1.41 21.26 -21.42
CA TYR B 183 0.98 21.07 -20.03
C TYR B 183 1.96 21.70 -19.04
N ARG B 184 1.43 22.30 -17.99
CA ARG B 184 2.26 22.89 -16.94
C ARG B 184 2.48 21.75 -15.95
N LEU B 185 3.36 20.82 -16.30
CA LEU B 185 3.63 19.67 -15.45
C LEU B 185 5.10 19.37 -15.32
N GLY B 186 5.51 19.04 -14.10
CA GLY B 186 6.90 18.70 -13.84
C GLY B 186 7.07 17.20 -13.99
N VAL B 187 8.31 16.76 -14.03
CA VAL B 187 8.62 15.35 -14.20
C VAL B 187 9.49 14.86 -13.05
N LYS B 188 8.97 13.91 -12.28
CA LYS B 188 9.74 13.35 -11.17
C LYS B 188 10.02 11.86 -11.44
N MET B 189 11.25 11.55 -11.78
CA MET B 189 11.62 10.16 -12.01
C MET B 189 12.05 9.56 -10.67
N ALA B 190 11.55 8.37 -10.37
CA ALA B 190 11.90 7.72 -9.11
C ALA B 190 12.00 6.21 -9.31
N GLY B 191 12.94 5.60 -8.59
CA GLY B 191 13.11 4.17 -8.68
C GLY B 191 14.37 3.75 -9.42
N GLY B 192 15.30 3.13 -8.70
CA GLY B 192 16.53 2.66 -9.30
C GLY B 192 17.58 3.71 -9.62
N ILE B 193 17.39 4.94 -9.14
CA ILE B 193 18.37 6.00 -9.40
C ILE B 193 19.46 5.88 -8.35
N ARG B 194 20.48 5.08 -8.64
CA ARG B 194 21.57 4.84 -7.70
C ARG B 194 22.86 5.65 -7.87
N THR B 195 23.08 6.22 -9.05
CA THR B 195 24.32 6.97 -9.26
C THR B 195 24.17 8.38 -9.81
N ARG B 196 25.25 9.13 -9.68
CA ARG B 196 25.32 10.52 -10.15
C ARG B 196 25.16 10.58 -11.66
N GLU B 197 25.77 9.64 -12.37
CA GLU B 197 25.68 9.60 -13.83
C GLU B 197 24.26 9.28 -14.28
N GLN B 198 23.63 8.32 -13.62
CA GLN B 198 22.25 7.96 -13.96
C GLN B 198 21.38 9.18 -13.75
N ALA B 199 21.60 9.87 -12.63
CA ALA B 199 20.82 11.05 -12.29
C ALA B 199 21.03 12.15 -13.32
N LYS B 200 22.28 12.35 -13.71
CA LYS B 200 22.60 13.36 -14.72
C LYS B 200 21.95 12.95 -16.04
N ALA B 201 22.04 11.67 -16.38
CA ALA B 201 21.44 11.17 -17.62
C ALA B 201 19.97 11.55 -17.71
N ILE B 202 19.25 11.35 -16.61
CA ILE B 202 17.83 11.65 -16.53
C ILE B 202 17.56 13.14 -16.67
N VAL B 203 18.32 13.95 -15.95
CA VAL B 203 18.15 15.40 -16.00
C VAL B 203 18.38 15.93 -17.42
N ASP B 204 19.42 15.45 -18.08
CA ASP B 204 19.70 15.89 -19.44
C ASP B 204 18.61 15.48 -20.41
N ALA B 205 18.09 14.26 -20.23
CA ALA B 205 17.04 13.74 -21.08
C ALA B 205 15.76 14.56 -20.97
N ILE B 206 15.44 14.99 -19.76
CA ILE B 206 14.25 15.80 -19.54
C ILE B 206 14.47 17.14 -20.24
N GLY B 207 15.72 17.59 -20.26
CA GLY B 207 16.06 18.83 -20.93
C GLY B 207 15.57 20.15 -20.35
N TRP B 208 15.21 20.16 -19.07
CA TRP B 208 14.75 21.39 -18.42
C TRP B 208 15.75 21.91 -17.40
N GLY B 209 17.00 21.45 -17.50
CA GLY B 209 18.00 21.89 -16.55
C GLY B 209 17.66 21.39 -15.15
N GLU B 210 18.31 21.97 -14.14
CA GLU B 210 18.05 21.57 -12.76
C GLU B 210 17.02 22.48 -12.11
N ASP B 211 15.81 22.45 -12.66
CA ASP B 211 14.71 23.27 -12.17
C ASP B 211 13.80 22.45 -11.26
N PRO B 212 13.93 22.66 -9.93
CA PRO B 212 13.17 21.97 -8.88
C PRO B 212 11.64 22.06 -9.01
N ALA B 213 11.16 23.16 -9.57
CA ALA B 213 9.72 23.33 -9.74
C ALA B 213 9.19 22.48 -10.89
N ARG B 214 10.08 21.93 -11.70
CA ARG B 214 9.68 21.12 -12.85
C ARG B 214 10.39 19.78 -12.95
N VAL B 215 11.41 19.55 -12.13
CA VAL B 215 12.16 18.31 -12.18
C VAL B 215 12.61 17.81 -10.81
N ARG B 216 12.34 16.54 -10.53
CA ARG B 216 12.75 15.93 -9.27
C ARG B 216 13.35 14.54 -9.51
N LEU B 217 14.18 14.11 -8.56
CA LEU B 217 14.81 12.80 -8.62
C LEU B 217 14.51 12.12 -7.29
N GLY B 218 13.60 11.14 -7.32
CA GLY B 218 13.26 10.43 -6.11
C GLY B 218 14.19 9.26 -5.88
N THR B 219 14.79 9.19 -4.69
CA THR B 219 15.69 8.10 -4.37
C THR B 219 15.87 7.93 -2.87
N SER B 220 16.25 6.73 -2.46
CA SER B 220 16.48 6.42 -1.05
C SER B 220 17.96 6.54 -0.72
N THR B 221 18.78 6.80 -1.74
CA THR B 221 20.22 6.95 -1.56
C THR B 221 20.68 8.28 -2.14
N PRO B 222 20.30 9.40 -1.50
CA PRO B 222 20.64 10.76 -1.93
C PRO B 222 22.12 11.10 -1.90
N GLU B 223 22.84 10.56 -0.91
CA GLU B 223 24.26 10.83 -0.77
C GLU B 223 25.02 10.48 -2.05
N ALA B 224 24.65 9.35 -2.65
CA ALA B 224 25.28 8.89 -3.88
C ALA B 224 25.16 9.92 -4.99
N LEU B 225 24.12 10.73 -4.93
CA LEU B 225 23.88 11.76 -5.92
C LEU B 225 24.89 12.90 -5.83
N LEU B 226 25.34 13.21 -4.61
CA LEU B 226 26.31 14.28 -4.40
C LEU B 226 26.63 14.42 -2.93
#